data_6PUT
#
_entry.id   6PUT
#
_cell.length_a   1.00
_cell.length_b   1.00
_cell.length_c   1.00
_cell.angle_alpha   90.00
_cell.angle_beta   90.00
_cell.angle_gamma   90.00
#
_symmetry.space_group_name_H-M   'P 1'
#
loop_
_entity.id
_entity.type
_entity.pdbx_description
1 polymer 'Chimeric Sso7d and HIV-1 integrase'
2 polymer 'viral DNA transferred strand'
3 polymer 'viral DNA non-transferred strand'
4 non-polymer 'CALCIUM ION'
5 non-polymer 'ZINC ION'
6 water water
#
loop_
_entity_poly.entity_id
_entity_poly.type
_entity_poly.pdbx_seq_one_letter_code
_entity_poly.pdbx_strand_id
1 'polypeptide(L)'
;MGSSHHHHHHSSGLVPRGSHMATVKFKYKGEEKEVDISKIKKVWRVGKMISFTYDEGGGKTGRGAVSEKDAPKELLQMLE
KQKKGGGGGGGGGGGFLDGIDKAQEEHEKYHSNWRAMASDFNLPPVVAKEIVASCDKCQLKGEAMHGQVDCSPGIWQLDC
THLEGKVILVAVHVASGYIEAEVIPAETGQETAYFLLKLAGRWPVKTVHTDNGSNFTSTTVKAACWWAGIKQEFGIPYNP
QSQGVIESMNKELKKIIGQVRDQAEHLKTAVQMAVFIHNFKRKGGIGGYSAGERIVDIIATDIQTKELQKQITKIQNFRV
YYRDSRDPVWKGPAKLLWKGEGAVVIQDNSDIKVVPRRKAKIIRDYGKQMAGDDCVASRQDED
;
A,B,C,D
2 'polydeoxyribonucleotide'
;(DA)(DG)(DC)(DG)(DT)(DG)(DG)(DG)(DC)(DG)(DG)(DG)(DA)(DA)(DA)(DA)(DT)(DC)(DT)(DC)
(DT)(DA)(DG)(DC)(DA)
;
F
3 'polydeoxyribonucleotide'
;(DA)(DC)(DT)(DG)(DC)(DT)(DA)(DG)(DA)(DG)(DA)(DT)(DT)(DT)(DT)(DC)(DC)(DC)(DG)(DC)
(DC)(DC)(DA)(DC)(DG)(DC)(DT)
;
E
#
# COMPACT_ATOMS: atom_id res chain seq x y z
N PHE A 96 -14.77 -27.50 51.78
CA PHE A 96 -13.76 -28.49 51.42
C PHE A 96 -12.35 -27.90 51.51
N LEU A 97 -12.08 -27.13 52.56
CA LEU A 97 -10.80 -26.45 52.70
C LEU A 97 -9.66 -27.44 52.98
N ASP A 98 -9.98 -28.64 53.47
CA ASP A 98 -9.02 -29.74 53.53
C ASP A 98 -8.54 -30.10 52.13
N GLY A 99 -9.45 -30.07 51.15
CA GLY A 99 -9.06 -30.27 49.77
C GLY A 99 -8.15 -29.18 49.24
N ILE A 100 -8.37 -27.93 49.65
CA ILE A 100 -7.49 -26.84 49.25
C ILE A 100 -6.10 -27.02 49.85
N ASP A 101 -6.03 -27.42 51.12
CA ASP A 101 -4.74 -27.57 51.79
C ASP A 101 -3.94 -28.73 51.19
N LYS A 102 -4.57 -29.90 51.01
CA LYS A 102 -3.86 -31.02 50.39
C LYS A 102 -3.57 -30.79 48.92
N ALA A 103 -4.41 -30.03 48.20
CA ALA A 103 -4.15 -29.77 46.80
C ALA A 103 -2.99 -28.80 46.61
N GLN A 104 -2.87 -27.82 47.48
CA GLN A 104 -1.69 -26.94 47.43
C GLN A 104 -0.43 -27.70 47.84
N GLU A 105 -0.53 -28.57 48.85
CA GLU A 105 0.63 -29.33 49.29
C GLU A 105 1.08 -30.33 48.24
N GLU A 106 0.16 -30.82 47.42
CA GLU A 106 0.54 -31.71 46.32
C GLU A 106 1.00 -30.95 45.09
N HIS A 107 0.41 -29.79 44.79
CA HIS A 107 0.84 -28.97 43.66
C HIS A 107 2.23 -28.38 43.90
N GLU A 108 2.63 -28.19 45.16
CA GLU A 108 3.98 -27.70 45.42
C GLU A 108 5.04 -28.72 45.03
N LYS A 109 4.71 -30.01 45.02
CA LYS A 109 5.59 -31.07 44.53
C LYS A 109 5.43 -31.32 43.04
N TYR A 110 4.22 -31.68 42.62
CA TYR A 110 4.01 -32.27 41.30
C TYR A 110 3.65 -31.27 40.23
N HIS A 111 3.19 -30.08 40.62
CA HIS A 111 2.73 -29.00 39.73
C HIS A 111 1.64 -29.49 38.77
N SER A 112 0.66 -30.18 39.36
CA SER A 112 -0.44 -30.72 38.59
C SER A 112 -1.37 -29.60 38.13
N ASN A 113 -2.04 -29.83 37.00
CA ASN A 113 -2.91 -28.82 36.42
C ASN A 113 -4.23 -28.77 37.19
N TRP A 114 -5.18 -27.99 36.67
CA TRP A 114 -6.43 -27.80 37.40
C TRP A 114 -7.33 -29.02 37.28
N ARG A 115 -7.21 -29.79 36.19
CA ARG A 115 -8.05 -30.97 36.05
C ARG A 115 -7.64 -32.07 37.01
N ALA A 116 -6.33 -32.22 37.23
CA ALA A 116 -5.83 -33.25 38.14
C ALA A 116 -6.20 -32.93 39.59
N MET A 117 -6.05 -31.67 40.00
CA MET A 117 -6.44 -31.27 41.34
C MET A 117 -7.95 -31.21 41.53
N ALA A 118 -8.70 -30.94 40.48
CA ALA A 118 -10.15 -30.95 40.56
C ALA A 118 -10.72 -32.36 40.57
N SER A 119 -10.01 -33.33 40.00
CA SER A 119 -10.45 -34.71 40.03
C SER A 119 -9.98 -35.46 41.27
N ASP A 120 -8.79 -35.15 41.78
CA ASP A 120 -8.23 -35.92 42.88
C ASP A 120 -8.70 -35.44 44.25
N PHE A 121 -8.97 -34.14 44.40
CA PHE A 121 -9.25 -33.59 45.72
C PHE A 121 -10.65 -33.03 45.87
N ASN A 122 -11.55 -33.35 44.93
CA ASN A 122 -12.95 -32.91 44.92
C ASN A 122 -13.04 -31.38 44.95
N LEU A 123 -12.38 -30.76 44.00
CA LEU A 123 -12.42 -29.31 43.92
C LEU A 123 -13.26 -28.87 42.74
N PRO A 124 -13.97 -27.75 42.87
CA PRO A 124 -14.57 -27.12 41.69
C PRO A 124 -13.50 -26.56 40.79
N PRO A 125 -13.78 -26.38 39.50
CA PRO A 125 -12.74 -25.90 38.57
C PRO A 125 -12.22 -24.50 38.87
N VAL A 126 -13.02 -23.65 39.52
CA VAL A 126 -12.57 -22.31 39.87
C VAL A 126 -11.47 -22.35 40.92
N VAL A 127 -11.61 -23.24 41.90
CA VAL A 127 -10.65 -23.31 43.00
C VAL A 127 -9.33 -23.94 42.53
N ALA A 128 -9.42 -25.00 41.73
CA ALA A 128 -8.21 -25.61 41.18
C ALA A 128 -7.52 -24.69 40.19
N LYS A 129 -8.29 -23.91 39.43
CA LYS A 129 -7.70 -22.91 38.56
C LYS A 129 -7.02 -21.81 39.36
N GLU A 130 -7.57 -21.45 40.52
CA GLU A 130 -6.90 -20.48 41.39
C GLU A 130 -5.61 -21.04 41.99
N ILE A 131 -5.60 -22.34 42.31
CA ILE A 131 -4.39 -22.96 42.86
C ILE A 131 -3.29 -23.02 41.82
N VAL A 132 -3.63 -23.37 40.57
CA VAL A 132 -2.60 -23.41 39.54
C VAL A 132 -2.24 -22.00 39.05
N ALA A 133 -3.12 -21.02 39.21
CA ALA A 133 -2.81 -19.67 38.79
C ALA A 133 -2.02 -18.89 39.85
N SER A 134 -2.05 -19.33 41.10
CA SER A 134 -1.24 -18.68 42.11
C SER A 134 0.20 -19.18 42.15
N CYS A 135 0.54 -20.15 41.30
CA CYS A 135 1.90 -20.69 41.24
C CYS A 135 2.70 -19.93 40.18
N ASP A 136 3.91 -19.50 40.55
CA ASP A 136 4.75 -18.78 39.61
C ASP A 136 5.40 -19.72 38.60
N LYS A 137 5.59 -20.98 38.97
CA LYS A 137 6.27 -21.92 38.10
C LYS A 137 5.38 -22.49 37.01
N CYS A 138 4.07 -22.24 37.06
CA CYS A 138 3.14 -22.83 36.13
C CYS A 138 2.67 -21.86 35.05
N GLN A 139 3.16 -20.62 35.07
CA GLN A 139 2.81 -19.64 34.05
C GLN A 139 3.89 -19.70 32.97
N LEU A 140 3.68 -20.59 32.00
CA LEU A 140 4.67 -20.86 30.97
C LEU A 140 4.08 -20.78 29.56
N LYS A 141 2.88 -20.23 29.42
CA LYS A 141 2.25 -20.14 28.12
C LYS A 141 1.52 -18.81 27.99
N GLY A 142 1.64 -18.19 26.82
CA GLY A 142 1.02 -16.92 26.54
C GLY A 142 -0.33 -17.11 25.86
N GLU A 143 -0.90 -15.98 25.46
CA GLU A 143 -2.19 -15.96 24.78
C GLU A 143 -2.09 -16.56 23.39
N ALA A 144 -3.06 -17.40 23.04
CA ALA A 144 -3.10 -18.02 21.71
C ALA A 144 -3.88 -17.11 20.76
N MET A 145 -3.20 -16.04 20.37
CA MET A 145 -3.72 -15.07 19.43
C MET A 145 -2.58 -14.51 18.60
N HIS A 146 -2.89 -13.53 17.77
CA HIS A 146 -1.91 -12.78 17.01
C HIS A 146 -2.37 -11.34 16.93
N GLY A 147 -1.43 -10.41 16.89
CA GLY A 147 -1.76 -9.02 16.65
C GLY A 147 -1.96 -8.76 15.17
N GLN A 148 -2.10 -7.49 14.83
CA GLN A 148 -2.33 -7.06 13.46
C GLN A 148 -1.48 -5.85 13.17
N VAL A 149 -0.70 -5.90 12.09
CA VAL A 149 0.19 -4.80 11.77
C VAL A 149 -0.60 -3.58 11.28
N ASP A 150 0.06 -2.43 11.31
CA ASP A 150 -0.54 -1.17 10.90
C ASP A 150 -0.52 -1.10 9.38
N CYS A 151 -1.68 -1.28 8.76
CA CYS A 151 -1.79 -1.18 7.30
C CYS A 151 -2.38 0.17 6.86
N SER A 152 -1.76 1.24 7.32
CA SER A 152 -2.13 2.57 6.85
C SER A 152 -1.58 2.79 5.45
N PRO A 153 -2.13 3.74 4.69
CA PRO A 153 -1.61 3.97 3.33
C PRO A 153 -0.25 4.67 3.29
N GLY A 154 0.31 5.08 4.42
CA GLY A 154 1.57 5.79 4.38
C GLY A 154 2.71 5.08 5.05
N ILE A 155 2.44 3.93 5.65
CA ILE A 155 3.45 3.20 6.42
C ILE A 155 4.10 2.15 5.52
N TRP A 156 5.42 2.07 5.56
CA TRP A 156 6.21 1.08 4.86
C TRP A 156 6.92 0.21 5.89
N GLN A 157 7.47 -0.91 5.41
CA GLN A 157 8.22 -1.81 6.27
C GLN A 157 9.52 -2.17 5.58
N LEU A 158 10.63 -1.98 6.27
CA LEU A 158 11.96 -2.20 5.70
C LEU A 158 12.67 -3.33 6.44
N ASP A 159 13.47 -4.09 5.69
CA ASP A 159 14.26 -5.18 6.25
C ASP A 159 15.41 -5.50 5.32
N CYS A 160 16.52 -5.91 5.90
CA CYS A 160 17.65 -6.43 5.14
C CYS A 160 17.60 -7.95 5.15
N THR A 161 17.78 -8.54 3.96
CA THR A 161 18.00 -9.97 3.84
C THR A 161 19.35 -10.22 3.19
N HIS A 162 19.75 -11.47 3.21
CA HIS A 162 21.05 -11.88 2.69
C HIS A 162 20.85 -12.99 1.68
N LEU A 163 21.48 -12.82 0.52
CA LEU A 163 21.37 -13.79 -0.56
C LEU A 163 22.68 -13.80 -1.31
N GLU A 164 23.26 -14.99 -1.47
CA GLU A 164 24.53 -15.24 -2.17
C GLU A 164 25.67 -14.43 -1.57
N GLY A 165 25.64 -14.19 -0.27
CA GLY A 165 26.65 -13.40 0.39
C GLY A 165 26.50 -11.90 0.24
N LYS A 166 25.41 -11.44 -0.37
CA LYS A 166 25.16 -10.02 -0.56
C LYS A 166 23.93 -9.61 0.23
N VAL A 167 23.80 -8.30 0.45
CA VAL A 167 22.75 -7.74 1.29
C VAL A 167 21.74 -7.04 0.41
N ILE A 168 20.47 -7.42 0.57
CA ILE A 168 19.36 -6.84 -0.16
C ILE A 168 18.50 -6.09 0.84
N LEU A 169 18.41 -4.77 0.67
CA LEU A 169 17.54 -3.95 1.49
C LEU A 169 16.20 -3.81 0.78
N VAL A 170 15.13 -4.28 1.42
CA VAL A 170 13.81 -4.39 0.83
C VAL A 170 12.86 -3.53 1.64
N ALA A 171 11.97 -2.82 0.96
CA ALA A 171 10.88 -2.08 1.58
C ALA A 171 9.57 -2.51 0.94
N VAL A 172 8.51 -2.56 1.73
CA VAL A 172 7.19 -2.91 1.23
C VAL A 172 6.20 -1.84 1.68
N HIS A 173 5.28 -1.52 0.78
CA HIS A 173 4.09 -0.75 1.13
C HIS A 173 3.07 -1.75 1.66
N VAL A 174 2.81 -1.72 2.97
CA VAL A 174 2.07 -2.81 3.60
C VAL A 174 0.58 -2.76 3.31
N ALA A 175 0.08 -1.68 2.72
CA ALA A 175 -1.31 -1.64 2.31
C ALA A 175 -1.51 -2.19 0.91
N SER A 176 -0.44 -2.36 0.14
CA SER A 176 -0.55 -2.82 -1.22
C SER A 176 0.40 -3.96 -1.58
N GLY A 177 1.48 -4.14 -0.85
CA GLY A 177 2.47 -5.13 -1.20
C GLY A 177 3.47 -4.68 -2.22
N TYR A 178 3.54 -3.39 -2.50
CA TYR A 178 4.49 -2.87 -3.47
C TYR A 178 5.90 -2.93 -2.92
N ILE A 179 6.80 -3.52 -3.69
CA ILE A 179 8.15 -3.84 -3.23
C ILE A 179 9.15 -2.91 -3.90
N GLU A 180 9.94 -2.23 -3.08
CA GLU A 180 11.16 -1.57 -3.48
C GLU A 180 12.31 -2.41 -2.96
N ALA A 181 13.37 -2.57 -3.74
CA ALA A 181 14.50 -3.34 -3.25
C ALA A 181 15.78 -2.88 -3.92
N GLU A 182 16.88 -3.02 -3.19
CA GLU A 182 18.20 -2.67 -3.69
C GLU A 182 19.21 -3.67 -3.15
N VAL A 183 20.30 -3.84 -3.87
CA VAL A 183 21.45 -4.55 -3.36
C VAL A 183 22.43 -3.51 -2.83
N ILE A 184 22.69 -3.54 -1.53
CA ILE A 184 23.53 -2.52 -0.90
C ILE A 184 24.90 -3.11 -0.64
N PRO A 185 25.99 -2.33 -0.75
CA PRO A 185 27.32 -2.91 -0.54
C PRO A 185 27.62 -3.26 0.90
N ALA A 186 26.90 -2.69 1.87
CA ALA A 186 27.10 -3.02 3.27
C ALA A 186 25.82 -2.72 4.03
N GLU A 187 25.59 -3.46 5.11
CA GLU A 187 24.43 -3.26 5.97
C GLU A 187 24.74 -2.16 6.99
N THR A 188 24.77 -0.93 6.47
CA THR A 188 25.20 0.24 7.22
C THR A 188 24.04 1.24 7.20
N GLY A 189 24.01 2.13 8.20
CA GLY A 189 23.01 3.19 8.23
C GLY A 189 23.16 4.23 7.14
N GLN A 190 24.34 4.34 6.53
CA GLN A 190 24.52 5.27 5.42
C GLN A 190 23.76 4.79 4.19
N GLU A 191 23.93 3.51 3.83
CA GLU A 191 23.20 2.96 2.70
C GLU A 191 21.71 2.86 2.98
N THR A 192 21.34 2.58 4.23
CA THR A 192 19.94 2.53 4.61
C THR A 192 19.29 3.90 4.52
N ALA A 193 20.01 4.95 4.95
CA ALA A 193 19.48 6.29 4.86
C ALA A 193 19.39 6.77 3.41
N TYR A 194 20.34 6.35 2.57
CA TYR A 194 20.25 6.67 1.15
C TYR A 194 19.06 6.00 0.49
N PHE A 195 18.86 4.70 0.77
CA PHE A 195 17.71 3.96 0.25
C PHE A 195 16.39 4.56 0.74
N LEU A 196 16.35 5.00 1.99
CA LEU A 196 15.12 5.51 2.56
C LEU A 196 14.81 6.92 2.06
N LEU A 197 15.83 7.75 1.87
CA LEU A 197 15.63 9.07 1.30
C LEU A 197 15.21 8.99 -0.15
N LYS A 198 15.77 8.04 -0.89
CA LYS A 198 15.39 7.83 -2.28
C LYS A 198 13.96 7.30 -2.39
N LEU A 199 13.58 6.39 -1.49
CA LEU A 199 12.21 5.87 -1.49
C LEU A 199 11.21 6.94 -1.09
N ALA A 200 11.55 7.78 -0.10
CA ALA A 200 10.66 8.85 0.32
C ALA A 200 10.54 9.93 -0.75
N GLY A 201 11.59 10.14 -1.54
CA GLY A 201 11.45 10.99 -2.71
C GLY A 201 10.64 10.37 -3.82
N ARG A 202 10.53 9.04 -3.86
CA ARG A 202 9.80 8.40 -4.94
C ARG A 202 8.31 8.28 -4.62
N TRP A 203 7.97 7.90 -3.40
CA TRP A 203 6.60 7.61 -2.98
C TRP A 203 6.26 8.40 -1.72
N PRO A 204 4.97 8.65 -1.45
CA PRO A 204 4.62 9.38 -0.22
C PRO A 204 4.77 8.52 1.04
N VAL A 205 5.99 8.44 1.55
CA VAL A 205 6.27 7.67 2.75
C VAL A 205 6.00 8.54 3.97
N LYS A 206 5.05 8.11 4.80
CA LYS A 206 4.73 8.80 6.04
C LYS A 206 5.35 8.14 7.26
N THR A 207 5.52 6.83 7.24
CA THR A 207 5.98 6.05 8.38
C THR A 207 6.81 4.89 7.84
N VAL A 208 7.87 4.52 8.55
CA VAL A 208 8.60 3.31 8.27
C VAL A 208 8.60 2.45 9.53
N HIS A 209 8.42 1.14 9.36
CA HIS A 209 8.38 0.21 10.47
C HIS A 209 9.47 -0.82 10.25
N THR A 210 10.57 -0.67 10.97
CA THR A 210 11.72 -1.56 10.87
C THR A 210 11.88 -2.34 12.17
N ASP A 211 12.82 -3.26 12.17
CA ASP A 211 13.22 -3.91 13.41
C ASP A 211 14.34 -3.12 14.06
N ASN A 212 14.83 -3.89 14.98
CA ASN A 212 15.85 -3.20 15.75
C ASN A 212 17.24 -3.55 15.28
N GLY A 213 17.39 -3.76 13.97
CA GLY A 213 18.70 -3.88 13.32
C GLY A 213 19.49 -2.60 13.46
N SER A 214 20.81 -2.70 13.60
CA SER A 214 21.66 -1.49 13.78
C SER A 214 21.50 -0.57 12.58
N ASN A 215 21.34 -1.13 11.39
CA ASN A 215 21.13 -0.31 10.16
C ASN A 215 20.02 0.70 10.42
N PHE A 216 18.85 0.22 10.82
CA PHE A 216 17.67 1.10 11.02
C PHE A 216 17.74 1.88 12.33
N THR A 217 18.49 1.40 13.33
CA THR A 217 18.48 2.09 14.65
C THR A 217 19.47 3.25 14.72
N SER A 218 20.28 3.44 13.67
CA SER A 218 21.34 4.42 13.67
C SER A 218 20.93 5.89 13.64
N THR A 219 21.89 6.76 13.93
CA THR A 219 21.64 8.20 13.87
C THR A 219 21.54 8.70 12.43
N THR A 220 22.10 7.95 11.48
CA THR A 220 22.07 8.37 10.09
C THR A 220 20.67 8.20 9.50
N VAL A 221 20.05 7.04 9.75
CA VAL A 221 18.66 6.83 9.31
C VAL A 221 17.71 7.71 10.11
N LYS A 222 18.05 8.02 11.36
CA LYS A 222 17.23 8.93 12.15
C LYS A 222 17.25 10.34 11.59
N ALA A 223 18.37 11.11 10.97
CA ALA A 223 18.44 12.40 10.31
C ALA A 223 17.74 12.38 8.95
N ALA A 224 17.81 11.26 8.24
CA ALA A 224 17.12 11.16 6.95
C ALA A 224 15.60 11.18 7.12
N CYS A 225 15.09 10.44 8.11
CA CYS A 225 13.64 10.45 8.35
C CYS A 225 13.19 11.76 8.98
N TRP A 226 14.09 12.47 9.67
CA TRP A 226 13.73 13.79 10.16
C TRP A 226 13.63 14.79 9.01
N TRP A 227 14.54 14.70 8.05
CA TRP A 227 14.50 15.62 6.91
C TRP A 227 13.32 15.32 6.00
N ALA A 228 13.10 14.05 5.66
CA ALA A 228 12.00 13.69 4.79
C ALA A 228 10.65 13.73 5.46
N GLY A 229 10.61 13.83 6.79
CA GLY A 229 9.35 13.88 7.49
C GLY A 229 8.74 12.53 7.79
N ILE A 230 9.57 11.49 7.84
CA ILE A 230 9.10 10.13 8.07
C ILE A 230 9.12 9.84 9.56
N LYS A 231 8.06 9.19 10.04
CA LYS A 231 8.04 8.71 11.41
C LYS A 231 8.65 7.31 11.47
N GLN A 232 9.44 7.06 12.50
CA GLN A 232 10.11 5.77 12.68
C GLN A 232 9.40 4.98 13.77
N GLU A 233 8.79 3.87 13.39
CA GLU A 233 8.30 2.89 14.34
C GLU A 233 9.27 1.73 14.37
N PHE A 234 9.63 1.27 15.56
CA PHE A 234 10.48 0.11 15.74
C PHE A 234 9.68 -1.00 16.39
N GLY A 235 9.88 -2.21 15.91
CA GLY A 235 9.19 -3.35 16.47
C GLY A 235 9.77 -3.77 17.80
N ILE A 236 9.07 -4.68 18.45
CA ILE A 236 9.56 -5.31 19.68
C ILE A 236 10.77 -6.17 19.33
N PRO A 237 11.88 -6.06 20.08
CA PRO A 237 13.08 -6.82 19.73
C PRO A 237 12.88 -8.33 19.82
N TYR A 238 13.44 -9.03 18.83
CA TYR A 238 13.36 -10.48 18.65
C TYR A 238 11.92 -10.97 18.51
N ASN A 239 11.02 -10.11 18.04
CA ASN A 239 9.67 -10.48 17.64
C ASN A 239 9.57 -10.13 16.16
N PRO A 240 9.94 -11.05 15.27
CA PRO A 240 9.94 -10.72 13.84
C PRO A 240 8.56 -10.72 13.23
N GLN A 241 7.55 -11.22 13.92
CA GLN A 241 6.18 -11.20 13.44
C GLN A 241 5.59 -9.80 13.43
N SER A 242 6.17 -8.87 14.17
CA SER A 242 5.70 -7.49 14.16
C SER A 242 6.01 -6.78 12.85
N GLN A 243 6.90 -7.35 12.04
CA GLN A 243 7.16 -6.89 10.69
C GLN A 243 6.85 -8.01 9.72
N GLY A 244 5.69 -8.67 9.86
CA GLY A 244 5.41 -9.87 9.11
C GLY A 244 5.22 -9.65 7.62
N VAL A 245 4.81 -8.44 7.23
CA VAL A 245 4.59 -8.14 5.82
C VAL A 245 5.91 -8.15 5.07
N ILE A 246 6.96 -7.55 5.66
CA ILE A 246 8.23 -7.48 4.96
C ILE A 246 8.94 -8.83 5.00
N GLU A 247 8.68 -9.69 5.99
CA GLU A 247 9.32 -10.99 5.94
C GLU A 247 8.63 -11.91 4.94
N SER A 248 7.29 -11.81 4.83
CA SER A 248 6.59 -12.53 3.77
C SER A 248 7.04 -12.06 2.39
N MET A 249 7.29 -10.75 2.25
CA MET A 249 7.75 -10.25 0.97
C MET A 249 9.21 -10.59 0.72
N ASN A 250 10.00 -10.79 1.77
CA ASN A 250 11.37 -11.30 1.59
C ASN A 250 11.34 -12.74 1.10
N LYS A 251 10.43 -13.55 1.63
CA LYS A 251 10.26 -14.92 1.17
C LYS A 251 9.82 -14.97 -0.29
N GLU A 252 8.82 -14.15 -0.63
CA GLU A 252 8.32 -14.12 -2.01
C GLU A 252 9.36 -13.54 -2.97
N LEU A 253 10.12 -12.55 -2.52
CA LEU A 253 11.15 -11.95 -3.37
C LEU A 253 12.29 -12.92 -3.60
N LYS A 254 12.69 -13.68 -2.58
CA LYS A 254 13.73 -14.68 -2.77
C LYS A 254 13.26 -15.81 -3.68
N LYS A 255 11.97 -16.16 -3.62
CA LYS A 255 11.42 -17.15 -4.54
C LYS A 255 11.44 -16.67 -5.99
N ILE A 256 11.05 -15.41 -6.22
CA ILE A 256 11.08 -14.88 -7.57
C ILE A 256 12.51 -14.69 -8.07
N ILE A 257 13.44 -14.32 -7.19
CA ILE A 257 14.86 -14.22 -7.56
C ILE A 257 15.39 -15.59 -7.97
N GLY A 258 15.04 -16.63 -7.22
CA GLY A 258 15.41 -17.97 -7.60
C GLY A 258 14.77 -18.45 -8.89
N GLN A 259 13.61 -17.91 -9.25
CA GLN A 259 13.01 -18.28 -10.53
C GLN A 259 13.72 -17.65 -11.73
N VAL A 260 14.26 -16.45 -11.59
CA VAL A 260 14.85 -15.76 -12.74
C VAL A 260 16.35 -15.51 -12.54
N ARG A 261 16.99 -16.32 -11.72
CA ARG A 261 18.42 -16.13 -11.45
C ARG A 261 19.29 -16.44 -12.65
N ASP A 262 18.86 -17.35 -13.52
CA ASP A 262 19.66 -17.71 -14.69
C ASP A 262 19.44 -16.79 -15.87
N GLN A 263 18.58 -15.78 -15.74
CA GLN A 263 18.42 -14.76 -16.76
C GLN A 263 19.30 -13.55 -16.53
N ALA A 264 19.97 -13.48 -15.39
CA ALA A 264 20.78 -12.34 -15.01
C ALA A 264 22.19 -12.81 -14.69
N GLU A 265 23.17 -11.96 -14.98
CA GLU A 265 24.56 -12.28 -14.72
C GLU A 265 25.02 -11.79 -13.36
N HIS A 266 24.38 -10.78 -12.81
CA HIS A 266 24.64 -10.31 -11.46
C HIS A 266 23.37 -10.42 -10.62
N LEU A 267 23.55 -10.31 -9.31
CA LEU A 267 22.40 -10.40 -8.41
C LEU A 267 21.58 -9.12 -8.42
N LYS A 268 22.20 -7.98 -8.77
CA LYS A 268 21.47 -6.72 -8.84
C LYS A 268 20.38 -6.77 -9.90
N THR A 269 20.73 -7.28 -11.08
CA THR A 269 19.79 -7.43 -12.17
C THR A 269 18.67 -8.40 -11.80
N ALA A 270 19.00 -9.47 -11.08
CA ALA A 270 17.99 -10.45 -10.69
C ALA A 270 17.05 -9.89 -9.63
N VAL A 271 17.55 -9.07 -8.71
CA VAL A 271 16.70 -8.43 -7.72
C VAL A 271 15.75 -7.44 -8.38
N GLN A 272 16.25 -6.64 -9.32
CA GLN A 272 15.36 -5.68 -9.98
C GLN A 272 14.38 -6.36 -10.92
N MET A 273 14.78 -7.47 -11.53
CA MET A 273 13.85 -8.26 -12.34
C MET A 273 12.76 -8.86 -11.47
N ALA A 274 13.11 -9.31 -10.27
CA ALA A 274 12.11 -9.85 -9.35
C ALA A 274 11.19 -8.77 -8.83
N VAL A 275 11.71 -7.55 -8.64
CA VAL A 275 10.87 -6.43 -8.23
C VAL A 275 9.88 -6.09 -9.33
N PHE A 276 10.33 -6.13 -10.59
CA PHE A 276 9.45 -5.95 -11.74
C PHE A 276 8.35 -7.02 -11.78
N ILE A 277 8.74 -8.28 -11.58
CA ILE A 277 7.79 -9.39 -11.68
C ILE A 277 6.78 -9.34 -10.55
N HIS A 278 7.21 -8.99 -9.34
CA HIS A 278 6.28 -8.93 -8.22
C HIS A 278 5.35 -7.73 -8.33
N ASN A 279 5.87 -6.58 -8.79
CA ASN A 279 5.05 -5.39 -8.82
C ASN A 279 4.09 -5.36 -9.99
N PHE A 280 4.42 -6.02 -11.10
CA PHE A 280 3.61 -5.87 -12.31
C PHE A 280 3.22 -7.16 -13.00
N LYS A 281 3.84 -8.30 -12.69
CA LYS A 281 3.57 -9.52 -13.42
C LYS A 281 2.92 -10.60 -12.57
N ARG A 282 2.47 -10.25 -11.36
CA ARG A 282 1.78 -11.22 -10.52
C ARG A 282 0.58 -10.53 -9.90
N LYS A 283 -0.61 -11.07 -10.17
CA LYS A 283 -1.86 -10.47 -9.74
C LYS A 283 -2.54 -11.35 -8.69
N GLY A 284 -3.60 -10.81 -8.11
CA GLY A 284 -4.29 -11.46 -7.02
C GLY A 284 -4.19 -10.64 -5.75
N GLY A 285 -5.22 -10.66 -4.92
CA GLY A 285 -5.23 -9.85 -3.73
C GLY A 285 -6.57 -9.20 -3.48
N ILE A 286 -6.58 -7.95 -2.99
CA ILE A 286 -7.85 -7.32 -2.61
C ILE A 286 -8.59 -6.72 -3.79
N GLY A 287 -7.99 -6.66 -4.98
CA GLY A 287 -8.72 -6.12 -6.10
C GLY A 287 -8.48 -6.88 -7.38
N GLY A 288 -7.82 -8.02 -7.28
CA GLY A 288 -7.34 -8.70 -8.47
C GLY A 288 -6.22 -7.98 -9.16
N TYR A 289 -5.51 -7.12 -8.43
CA TYR A 289 -4.47 -6.25 -8.98
C TYR A 289 -3.10 -6.89 -8.81
N SER A 290 -2.14 -6.31 -9.50
CA SER A 290 -0.75 -6.46 -9.07
C SER A 290 -0.46 -5.42 -8.01
N ALA A 291 0.73 -5.51 -7.42
CA ALA A 291 1.10 -4.56 -6.37
C ALA A 291 1.29 -3.16 -6.92
N GLY A 292 1.72 -3.02 -8.18
CA GLY A 292 1.88 -1.72 -8.78
C GLY A 292 0.56 -1.04 -9.09
N GLU A 293 -0.44 -1.80 -9.50
CA GLU A 293 -1.78 -1.23 -9.66
C GLU A 293 -2.39 -0.92 -8.31
N ARG A 294 -2.14 -1.77 -7.32
CA ARG A 294 -2.76 -1.61 -6.02
C ARG A 294 -2.20 -0.40 -5.27
N ILE A 295 -0.92 -0.08 -5.44
CA ILE A 295 -0.38 1.07 -4.71
C ILE A 295 -0.92 2.38 -5.29
N VAL A 296 -1.11 2.45 -6.61
CA VAL A 296 -1.66 3.68 -7.15
C VAL A 296 -3.15 3.76 -6.91
N ASP A 297 -3.83 2.62 -6.73
CA ASP A 297 -5.22 2.66 -6.30
C ASP A 297 -5.33 3.15 -4.86
N ILE A 298 -4.47 2.64 -3.97
CA ILE A 298 -4.44 3.06 -2.57
C ILE A 298 -4.16 4.55 -2.46
N ILE A 299 -3.17 5.04 -3.20
CA ILE A 299 -2.73 6.43 -3.03
C ILE A 299 -3.69 7.39 -3.73
N ALA A 300 -4.18 7.04 -4.92
CA ALA A 300 -5.16 7.88 -5.59
C ALA A 300 -6.48 7.91 -4.83
N THR A 301 -6.85 6.78 -4.21
CA THR A 301 -8.04 6.74 -3.37
C THR A 301 -7.86 7.58 -2.13
N ASP A 302 -6.65 7.58 -1.55
CA ASP A 302 -6.36 8.42 -0.38
C ASP A 302 -6.49 9.89 -0.72
N ILE A 303 -5.91 10.31 -1.85
CA ILE A 303 -5.98 11.71 -2.28
C ILE A 303 -7.42 12.11 -2.59
N GLN A 304 -8.14 11.28 -3.35
CA GLN A 304 -9.49 11.60 -3.78
C GLN A 304 -10.47 11.63 -2.62
N THR A 305 -10.38 10.65 -1.72
CA THR A 305 -11.26 10.64 -0.55
C THR A 305 -10.93 11.75 0.42
N LYS A 306 -9.65 12.14 0.54
CA LYS A 306 -9.30 13.27 1.39
C LYS A 306 -9.89 14.56 0.86
N GLU A 307 -9.76 14.80 -0.45
CA GLU A 307 -10.31 16.02 -1.04
C GLU A 307 -11.84 16.00 -1.02
N LEU A 308 -12.43 14.83 -1.22
CA LEU A 308 -13.88 14.71 -1.25
C LEU A 308 -14.49 14.91 0.13
N GLN A 309 -13.86 14.35 1.16
CA GLN A 309 -14.34 14.57 2.53
C GLN A 309 -14.05 16.00 2.99
N LYS A 310 -13.00 16.63 2.46
CA LYS A 310 -12.77 18.04 2.77
C LYS A 310 -13.84 18.92 2.15
N GLN A 311 -14.31 18.58 0.96
CA GLN A 311 -15.40 19.35 0.36
C GLN A 311 -16.75 19.02 0.98
N ILE A 312 -16.93 17.80 1.51
CA ILE A 312 -18.19 17.46 2.15
C ILE A 312 -18.29 18.13 3.52
N THR A 313 -17.19 18.09 4.29
CA THR A 313 -17.19 18.56 5.68
C THR A 313 -17.47 20.05 5.79
N LYS A 314 -17.02 20.84 4.82
CA LYS A 314 -17.25 22.28 4.86
C LYS A 314 -18.66 22.67 4.46
N ILE A 315 -19.52 21.72 4.10
CA ILE A 315 -20.92 22.00 3.82
C ILE A 315 -21.85 21.52 4.93
N GLN A 316 -21.75 20.28 5.37
CA GLN A 316 -22.60 19.72 6.42
C GLN A 316 -22.08 20.24 7.77
N ASN A 317 -22.83 21.14 8.39
CA ASN A 317 -22.44 21.75 9.66
C ASN A 317 -23.57 21.64 10.67
N PHE A 318 -24.12 20.43 10.82
CA PHE A 318 -25.24 20.17 11.72
C PHE A 318 -24.72 19.61 13.04
N ARG A 319 -25.44 19.88 14.12
CA ARG A 319 -25.11 19.38 15.45
C ARG A 319 -26.20 18.41 15.88
N VAL A 320 -25.91 17.11 15.83
CA VAL A 320 -26.91 16.11 16.15
C VAL A 320 -26.87 15.77 17.63
N TYR A 321 -28.03 15.85 18.28
CA TYR A 321 -28.16 15.49 19.69
C TYR A 321 -28.54 14.02 19.84
N LYS A 335 -21.38 16.62 16.52
CA LYS A 335 -21.04 16.95 15.13
C LYS A 335 -21.46 15.84 14.19
N LEU A 336 -22.23 16.19 13.17
CA LEU A 336 -22.75 15.21 12.23
C LEU A 336 -21.64 14.74 11.29
N LEU A 337 -21.42 13.43 11.26
CA LEU A 337 -20.47 12.84 10.33
C LEU A 337 -21.18 12.28 9.11
N TRP A 338 -22.22 11.48 9.30
CA TRP A 338 -22.91 10.87 8.16
C TRP A 338 -24.35 10.61 8.53
N LYS A 339 -25.28 11.22 7.81
CA LYS A 339 -26.70 11.01 8.04
C LYS A 339 -27.26 10.03 7.02
N GLY A 340 -27.92 9.00 7.54
CA GLY A 340 -28.64 8.05 6.71
C GLY A 340 -30.07 7.98 7.16
N GLU A 341 -30.84 7.08 6.53
CA GLU A 341 -32.25 6.93 6.86
C GLU A 341 -32.50 5.93 7.97
N GLY A 342 -31.55 5.06 8.28
CA GLY A 342 -31.71 4.11 9.35
C GLY A 342 -30.89 4.47 10.57
N ALA A 343 -29.77 5.15 10.36
CA ALA A 343 -28.89 5.51 11.45
C ALA A 343 -28.23 6.85 11.13
N VAL A 344 -27.50 7.36 12.12
CA VAL A 344 -26.76 8.60 11.98
C VAL A 344 -25.45 8.47 12.75
N VAL A 345 -24.34 8.73 12.07
CA VAL A 345 -23.01 8.61 12.66
C VAL A 345 -22.55 10.00 13.04
N ILE A 346 -22.15 10.16 14.31
CA ILE A 346 -21.70 11.42 14.87
C ILE A 346 -20.35 11.21 15.54
N GLN A 347 -19.77 12.29 16.03
CA GLN A 347 -18.56 12.21 16.83
C GLN A 347 -18.63 13.14 18.04
N ILE A 352 -16.82 8.71 18.05
CA ILE A 352 -17.61 8.42 16.87
C ILE A 352 -18.61 7.30 17.16
N LYS A 353 -19.90 7.68 17.21
CA LYS A 353 -20.95 6.76 17.59
C LYS A 353 -21.98 6.64 16.48
N VAL A 354 -22.66 5.50 16.44
CA VAL A 354 -23.69 5.23 15.43
C VAL A 354 -25.02 5.22 16.18
N VAL A 355 -25.66 6.38 16.22
CA VAL A 355 -26.97 6.51 16.87
C VAL A 355 -28.04 5.96 15.95
N PRO A 356 -28.99 5.15 16.45
CA PRO A 356 -30.08 4.63 15.61
C PRO A 356 -31.04 5.72 15.13
N PHE B 96 -33.45 2.26 -17.62
CA PHE B 96 -32.05 2.13 -17.99
C PHE B 96 -31.82 2.74 -19.37
N LEU B 97 -32.84 2.64 -20.22
CA LEU B 97 -32.77 3.23 -21.56
C LEU B 97 -32.87 4.75 -21.49
N ASP B 98 -33.47 5.28 -20.42
CA ASP B 98 -33.62 6.72 -20.23
C ASP B 98 -32.26 7.41 -20.14
N GLY B 99 -31.35 6.86 -19.34
CA GLY B 99 -30.00 7.42 -19.25
C GLY B 99 -29.24 7.27 -20.55
N ILE B 100 -29.53 6.21 -21.31
CA ILE B 100 -28.88 5.99 -22.59
C ILE B 100 -29.31 7.05 -23.61
N ASP B 101 -30.61 7.37 -23.69
CA ASP B 101 -31.02 8.38 -24.66
C ASP B 101 -30.62 9.79 -24.21
N LYS B 102 -30.66 10.06 -22.89
CA LYS B 102 -30.12 11.31 -22.38
C LYS B 102 -28.63 11.47 -22.68
N ALA B 103 -27.85 10.40 -22.58
CA ALA B 103 -26.43 10.48 -22.88
C ALA B 103 -26.18 10.65 -24.37
N GLN B 104 -27.00 10.01 -25.22
CA GLN B 104 -26.83 10.16 -26.66
C GLN B 104 -27.16 11.58 -27.12
N GLU B 105 -28.25 12.15 -26.59
CA GLU B 105 -28.59 13.53 -26.93
C GLU B 105 -27.57 14.51 -26.37
N GLU B 106 -27.10 14.27 -25.13
CA GLU B 106 -26.12 15.13 -24.50
C GLU B 106 -24.77 15.06 -25.21
N HIS B 107 -24.41 13.90 -25.75
CA HIS B 107 -23.19 13.81 -26.52
C HIS B 107 -23.32 14.46 -27.87
N GLU B 108 -24.48 14.35 -28.52
CA GLU B 108 -24.56 15.02 -29.82
C GLU B 108 -24.82 16.52 -29.70
N LYS B 109 -25.12 17.03 -28.50
CA LYS B 109 -25.23 18.49 -28.36
C LYS B 109 -23.99 19.09 -27.69
N TYR B 110 -23.25 18.31 -26.89
CA TYR B 110 -22.13 18.86 -26.12
C TYR B 110 -20.79 18.19 -26.38
N HIS B 111 -20.79 16.93 -26.83
CA HIS B 111 -19.59 16.13 -27.11
C HIS B 111 -18.70 15.99 -25.87
N SER B 112 -19.29 15.41 -24.83
CA SER B 112 -18.54 14.98 -23.67
C SER B 112 -18.02 13.56 -23.88
N ASN B 113 -16.93 13.23 -23.19
CA ASN B 113 -16.31 11.92 -23.35
C ASN B 113 -17.10 10.87 -22.56
N TRP B 114 -16.59 9.64 -22.54
CA TRP B 114 -17.31 8.55 -21.90
C TRP B 114 -17.28 8.64 -20.38
N ARG B 115 -16.29 9.34 -19.81
CA ARG B 115 -16.24 9.47 -18.36
C ARG B 115 -17.33 10.41 -17.85
N ALA B 116 -17.57 11.50 -18.58
CA ALA B 116 -18.64 12.42 -18.21
C ALA B 116 -20.00 11.78 -18.40
N MET B 117 -20.18 11.01 -19.45
CA MET B 117 -21.44 10.32 -19.68
C MET B 117 -21.64 9.13 -18.76
N ALA B 118 -20.56 8.58 -18.19
CA ALA B 118 -20.71 7.51 -17.22
C ALA B 118 -20.90 8.03 -15.80
N SER B 119 -20.41 9.23 -15.50
CA SER B 119 -20.64 9.83 -14.20
C SER B 119 -21.98 10.55 -14.13
N ASP B 120 -22.41 11.16 -15.24
CA ASP B 120 -23.63 11.97 -15.24
C ASP B 120 -24.89 11.13 -15.31
N PHE B 121 -24.91 10.07 -16.11
CA PHE B 121 -26.13 9.35 -16.42
C PHE B 121 -26.14 7.92 -15.92
N ASN B 122 -25.18 7.55 -15.05
CA ASN B 122 -25.10 6.23 -14.39
C ASN B 122 -25.03 5.08 -15.39
N LEU B 123 -24.30 5.26 -16.46
CA LEU B 123 -24.15 4.16 -17.40
C LEU B 123 -22.87 3.37 -17.11
N PRO B 124 -22.82 2.10 -17.48
CA PRO B 124 -21.55 1.39 -17.51
C PRO B 124 -20.63 2.00 -18.56
N PRO B 125 -19.32 1.97 -18.35
CA PRO B 125 -18.40 2.68 -19.26
C PRO B 125 -18.31 2.09 -20.66
N VAL B 126 -18.66 0.81 -20.83
CA VAL B 126 -18.71 0.24 -22.18
C VAL B 126 -19.84 0.87 -22.98
N VAL B 127 -20.97 1.16 -22.34
CA VAL B 127 -22.09 1.80 -23.03
C VAL B 127 -21.75 3.23 -23.40
N ALA B 128 -21.12 3.97 -22.48
CA ALA B 128 -20.75 5.35 -22.76
C ALA B 128 -19.66 5.45 -23.81
N LYS B 129 -18.72 4.49 -23.81
CA LYS B 129 -17.70 4.48 -24.85
C LYS B 129 -18.30 4.09 -26.20
N GLU B 130 -19.33 3.25 -26.21
CA GLU B 130 -19.97 2.96 -27.48
C GLU B 130 -20.79 4.15 -27.97
N ILE B 131 -21.33 4.96 -27.05
CA ILE B 131 -22.00 6.20 -27.43
C ILE B 131 -21.01 7.18 -28.04
N VAL B 132 -19.84 7.35 -27.43
CA VAL B 132 -18.86 8.29 -27.97
C VAL B 132 -18.20 7.73 -29.24
N ALA B 133 -18.21 6.40 -29.44
CA ALA B 133 -17.66 5.81 -30.65
C ALA B 133 -18.66 5.76 -31.79
N SER B 134 -19.96 5.86 -31.52
CA SER B 134 -20.96 5.90 -32.58
C SER B 134 -20.91 7.23 -33.33
N CYS B 135 -20.46 8.29 -32.68
CA CYS B 135 -20.38 9.61 -33.27
C CYS B 135 -19.20 9.71 -34.21
N ASP B 136 -19.27 10.69 -35.12
CA ASP B 136 -18.22 10.91 -36.11
C ASP B 136 -17.41 12.17 -35.85
N LYS B 137 -17.92 13.13 -35.09
CA LYS B 137 -17.15 14.31 -34.74
C LYS B 137 -16.02 13.97 -33.77
N CYS B 138 -16.25 13.05 -32.84
CA CYS B 138 -15.28 12.69 -31.82
C CYS B 138 -14.41 11.50 -32.23
N GLN B 139 -14.13 11.36 -33.52
CA GLN B 139 -13.18 10.35 -33.97
C GLN B 139 -11.75 10.71 -33.56
N SER B 152 1.16 7.54 -24.00
CA SER B 152 1.43 8.85 -23.41
C SER B 152 1.49 8.90 -21.86
N PRO B 153 0.71 8.10 -21.12
CA PRO B 153 1.04 7.90 -19.70
C PRO B 153 2.15 6.91 -19.42
N GLY B 154 2.78 6.32 -20.44
CA GLY B 154 3.85 5.38 -20.21
C GLY B 154 5.17 5.84 -20.80
N ILE B 155 5.19 7.05 -21.35
CA ILE B 155 6.38 7.57 -21.99
C ILE B 155 7.23 8.30 -20.96
N TRP B 156 8.47 7.85 -20.78
CA TRP B 156 9.47 8.53 -19.97
C TRP B 156 10.56 9.05 -20.88
N GLN B 157 11.40 9.93 -20.35
CA GLN B 157 12.48 10.50 -21.13
C GLN B 157 13.74 10.56 -20.27
N LEU B 158 14.84 10.03 -20.81
CA LEU B 158 16.08 9.84 -20.05
C LEU B 158 17.16 10.75 -20.59
N ASP B 159 17.88 11.42 -19.69
CA ASP B 159 19.00 12.27 -20.05
C ASP B 159 20.08 12.13 -18.99
N CYS B 160 21.26 12.67 -19.29
CA CYS B 160 22.40 12.63 -18.38
C CYS B 160 22.86 14.05 -18.12
N THR B 161 22.97 14.42 -16.85
CA THR B 161 23.34 15.75 -16.41
C THR B 161 24.63 15.67 -15.60
N HIS B 162 25.60 16.51 -15.91
CA HIS B 162 26.90 16.46 -15.26
C HIS B 162 26.99 17.55 -14.21
N LEU B 163 27.19 17.16 -12.95
CA LEU B 163 27.40 18.09 -11.85
C LEU B 163 28.57 17.60 -11.01
N GLU B 164 29.48 18.52 -10.69
CA GLU B 164 30.66 18.29 -9.83
C GLU B 164 31.57 17.18 -10.38
N GLY B 165 31.57 17.00 -11.70
CA GLY B 165 32.30 15.92 -12.34
C GLY B 165 31.53 14.60 -12.39
N LYS B 166 30.59 14.39 -11.48
CA LYS B 166 29.77 13.20 -11.46
C LYS B 166 28.63 13.34 -12.46
N VAL B 167 28.07 12.18 -12.84
CA VAL B 167 27.00 12.12 -13.82
C VAL B 167 25.72 11.62 -13.15
N ILE B 168 24.62 12.32 -13.40
CA ILE B 168 23.32 12.06 -12.81
C ILE B 168 22.39 11.68 -13.94
N LEU B 169 21.87 10.46 -13.90
CA LEU B 169 20.92 10.02 -14.91
C LEU B 169 19.53 10.41 -14.42
N VAL B 170 18.76 11.05 -15.30
CA VAL B 170 17.49 11.69 -14.94
C VAL B 170 16.43 11.16 -15.89
N ALA B 171 15.37 10.58 -15.33
CA ALA B 171 14.21 10.14 -16.08
C ALA B 171 13.01 10.99 -15.69
N VAL B 172 12.33 11.54 -16.69
CA VAL B 172 11.18 12.42 -16.48
C VAL B 172 9.96 11.75 -17.08
N HIS B 173 8.91 11.61 -16.29
CA HIS B 173 7.60 11.24 -16.82
C HIS B 173 7.03 12.43 -17.57
N VAL B 174 6.94 12.33 -18.90
CA VAL B 174 6.64 13.51 -19.71
C VAL B 174 5.19 13.94 -19.60
N ALA B 175 4.32 13.11 -19.02
CA ALA B 175 2.92 13.49 -18.85
C ALA B 175 2.67 14.20 -17.53
N SER B 176 3.54 14.02 -16.54
CA SER B 176 3.29 14.54 -15.20
C SER B 176 4.42 15.42 -14.71
N GLY B 177 5.63 15.20 -15.21
CA GLY B 177 6.79 15.91 -14.70
C GLY B 177 7.45 15.24 -13.53
N TYR B 178 6.96 14.07 -13.12
CA TYR B 178 7.59 13.28 -12.07
C TYR B 178 8.98 12.84 -12.52
N ILE B 179 9.92 12.87 -11.59
CA ILE B 179 11.33 12.73 -11.94
C ILE B 179 11.96 11.66 -11.06
N GLU B 180 12.98 11.00 -11.62
CA GLU B 180 13.79 10.04 -10.90
C GLU B 180 15.24 10.26 -11.31
N ALA B 181 16.11 10.52 -10.33
CA ALA B 181 17.49 10.82 -10.65
C ALA B 181 18.39 9.93 -9.82
N GLU B 182 19.53 9.54 -10.40
CA GLU B 182 20.52 8.71 -9.74
C GLU B 182 21.90 9.18 -10.12
N VAL B 183 22.76 9.41 -9.14
CA VAL B 183 24.17 9.61 -9.46
C VAL B 183 24.75 8.25 -9.83
N ILE B 184 25.11 8.08 -11.10
CA ILE B 184 25.64 6.81 -11.58
C ILE B 184 27.15 6.91 -11.63
N PRO B 185 27.89 5.80 -11.47
CA PRO B 185 29.36 5.92 -11.45
C PRO B 185 29.98 6.24 -12.80
N ALA B 186 29.29 5.92 -13.91
CA ALA B 186 29.82 6.21 -15.23
C ALA B 186 28.67 6.23 -16.22
N GLU B 187 28.92 6.83 -17.39
CA GLU B 187 27.99 6.77 -18.51
C GLU B 187 28.21 5.47 -19.27
N THR B 188 27.82 4.38 -18.63
CA THR B 188 28.03 3.02 -19.11
C THR B 188 26.66 2.41 -19.40
N GLY B 189 26.61 1.57 -20.44
CA GLY B 189 25.37 0.87 -20.75
C GLY B 189 24.91 -0.07 -19.64
N GLN B 190 25.84 -0.57 -18.83
CA GLN B 190 25.46 -1.37 -17.67
C GLN B 190 24.71 -0.52 -16.64
N GLU B 191 25.24 0.65 -16.33
CA GLU B 191 24.60 1.53 -15.36
C GLU B 191 23.28 2.08 -15.89
N THR B 192 23.22 2.38 -17.18
CA THR B 192 21.99 2.87 -17.78
C THR B 192 20.93 1.78 -17.82
N ALA B 193 21.32 0.55 -18.15
CA ALA B 193 20.38 -0.55 -18.16
C ALA B 193 19.93 -0.92 -16.75
N TYR B 194 20.80 -0.75 -15.76
CA TYR B 194 20.40 -0.99 -14.37
C TYR B 194 19.40 0.05 -13.89
N PHE B 195 19.65 1.33 -14.21
CA PHE B 195 18.69 2.39 -13.91
C PHE B 195 17.37 2.15 -14.62
N LEU B 196 17.42 1.66 -15.85
CA LEU B 196 16.20 1.49 -16.62
C LEU B 196 15.39 0.30 -16.13
N LEU B 197 16.07 -0.77 -15.71
CA LEU B 197 15.36 -1.91 -15.15
C LEU B 197 14.78 -1.58 -13.78
N LYS B 198 15.49 -0.76 -12.99
CA LYS B 198 14.94 -0.24 -11.74
C LYS B 198 13.69 0.58 -11.98
N LEU B 199 13.76 1.52 -12.94
CA LEU B 199 12.64 2.41 -13.23
C LEU B 199 11.45 1.63 -13.79
N ALA B 200 11.71 0.63 -14.64
CA ALA B 200 10.63 -0.19 -15.16
C ALA B 200 10.01 -1.07 -14.09
N GLY B 201 10.80 -1.46 -13.08
CA GLY B 201 10.23 -2.20 -11.97
C GLY B 201 9.43 -1.33 -11.02
N ARG B 202 9.73 -0.03 -10.98
CA ARG B 202 9.00 0.83 -10.06
C ARG B 202 7.69 1.36 -10.66
N TRP B 203 7.71 1.70 -11.94
CA TRP B 203 6.61 2.39 -12.60
C TRP B 203 6.26 1.68 -13.90
N PRO B 204 5.03 1.84 -14.40
CA PRO B 204 4.68 1.20 -15.69
C PRO B 204 5.31 1.89 -16.89
N VAL B 205 6.56 1.55 -17.19
CA VAL B 205 7.30 2.18 -18.27
C VAL B 205 7.03 1.43 -19.56
N LYS B 206 6.49 2.12 -20.55
CA LYS B 206 6.22 1.54 -21.87
C LYS B 206 7.15 2.07 -22.95
N THR B 207 7.53 3.34 -22.87
CA THR B 207 8.39 3.95 -23.88
C THR B 207 9.42 4.83 -23.18
N VAL B 208 10.67 4.75 -23.62
CA VAL B 208 11.72 5.65 -23.17
C VAL B 208 12.27 6.41 -24.37
N HIS B 209 12.48 7.70 -24.17
CA HIS B 209 12.98 8.60 -25.20
C HIS B 209 14.38 9.03 -24.76
N THR B 210 15.40 8.66 -25.53
CA THR B 210 16.76 8.97 -25.13
C THR B 210 17.36 9.98 -26.09
N ASP B 211 18.63 10.30 -25.88
CA ASP B 211 19.38 11.26 -26.68
C ASP B 211 20.57 10.57 -27.35
N ASN B 212 20.29 9.37 -27.89
CA ASN B 212 21.11 8.57 -28.83
C ASN B 212 22.60 8.52 -28.50
N GLY B 213 22.94 8.53 -27.21
CA GLY B 213 24.32 8.49 -26.80
C GLY B 213 24.95 7.13 -26.93
N SER B 214 26.22 7.06 -26.57
CA SER B 214 26.95 5.80 -26.63
C SER B 214 26.47 4.81 -25.58
N ASN B 215 25.89 5.30 -24.48
CA ASN B 215 25.36 4.42 -23.45
C ASN B 215 23.89 4.10 -23.64
N PHE B 216 23.14 4.95 -24.33
CA PHE B 216 21.72 4.69 -24.54
C PHE B 216 21.44 3.74 -25.69
N THR B 217 22.34 3.67 -26.68
CA THR B 217 22.22 2.74 -27.79
C THR B 217 23.07 1.50 -27.60
N SER B 218 23.39 1.15 -26.37
CA SER B 218 24.20 -0.03 -26.08
C SER B 218 23.36 -1.28 -26.20
N THR B 219 24.04 -2.42 -26.31
CA THR B 219 23.34 -3.70 -26.38
C THR B 219 22.78 -4.12 -25.02
N THR B 220 23.36 -3.63 -23.92
CA THR B 220 22.86 -3.97 -22.60
C THR B 220 21.55 -3.27 -22.32
N VAL B 221 21.44 -2.01 -22.71
CA VAL B 221 20.19 -1.27 -22.57
C VAL B 221 19.13 -1.82 -23.52
N LYS B 222 19.54 -2.30 -24.69
CA LYS B 222 18.59 -2.93 -25.60
C LYS B 222 18.08 -4.25 -25.03
N ALA B 223 18.95 -5.01 -24.36
CA ALA B 223 18.51 -6.25 -23.72
C ALA B 223 17.60 -5.97 -22.53
N ALA B 224 17.88 -4.90 -21.77
CA ALA B 224 17.03 -4.55 -20.65
C ALA B 224 15.66 -4.05 -21.12
N CYS B 225 15.62 -3.30 -22.21
CA CYS B 225 14.35 -2.85 -22.74
C CYS B 225 13.59 -3.98 -23.41
N TRP B 226 14.29 -4.99 -23.94
CA TRP B 226 13.61 -6.16 -24.46
C TRP B 226 13.01 -6.98 -23.34
N TRP B 227 13.73 -7.12 -22.22
CA TRP B 227 13.22 -7.91 -21.11
C TRP B 227 12.04 -7.22 -20.43
N ALA B 228 12.19 -5.94 -20.12
CA ALA B 228 11.11 -5.22 -19.45
C ALA B 228 9.97 -4.85 -20.38
N GLY B 229 10.14 -4.99 -21.70
CA GLY B 229 9.09 -4.66 -22.62
C GLY B 229 8.99 -3.20 -22.98
N ILE B 230 10.10 -2.49 -22.98
CA ILE B 230 10.12 -1.06 -23.23
C ILE B 230 10.49 -0.80 -24.68
N LYS B 231 9.79 0.14 -25.30
CA LYS B 231 10.09 0.62 -26.63
C LYS B 231 11.05 1.81 -26.52
N GLN B 232 12.06 1.84 -27.38
CA GLN B 232 13.06 2.90 -27.36
C GLN B 232 12.81 3.86 -28.52
N GLU B 233 12.87 5.15 -28.22
CA GLU B 233 12.80 6.19 -29.24
C GLU B 233 14.05 7.05 -29.16
N PHE B 234 14.63 7.35 -30.32
CA PHE B 234 15.89 8.09 -30.36
C PHE B 234 15.73 9.41 -31.09
N VAL B 245 10.65 19.61 -23.57
CA VAL B 245 10.88 20.55 -22.48
C VAL B 245 11.43 19.82 -21.25
N ILE B 246 12.18 18.75 -21.49
CA ILE B 246 12.81 18.03 -20.40
C ILE B 246 14.02 18.79 -19.86
N GLU B 247 14.55 19.74 -20.65
CA GLU B 247 15.64 20.57 -20.14
C GLU B 247 15.12 21.56 -19.12
N SER B 248 13.83 21.88 -19.15
CA SER B 248 13.22 22.67 -18.08
C SER B 248 13.21 21.89 -16.78
N MET B 249 12.91 20.60 -16.84
CA MET B 249 12.98 19.74 -15.67
C MET B 249 14.42 19.58 -15.20
N ASN B 250 15.36 19.51 -16.14
CA ASN B 250 16.78 19.41 -15.77
C ASN B 250 17.29 20.69 -15.11
N LYS B 251 16.85 21.84 -15.61
CA LYS B 251 17.20 23.12 -14.98
C LYS B 251 16.57 23.29 -13.60
N GLU B 252 15.31 22.88 -13.44
CA GLU B 252 14.69 22.99 -12.12
C GLU B 252 15.34 22.03 -11.13
N LEU B 253 15.72 20.83 -11.61
CA LEU B 253 16.45 19.90 -10.74
C LEU B 253 17.82 20.43 -10.37
N LYS B 254 18.52 21.06 -11.31
CA LYS B 254 19.85 21.60 -11.01
C LYS B 254 19.77 22.82 -10.10
N LYS B 255 18.68 23.59 -10.16
CA LYS B 255 18.59 24.72 -9.24
C LYS B 255 18.13 24.28 -7.86
N ILE B 256 17.34 23.20 -7.78
CA ILE B 256 16.98 22.67 -6.47
C ILE B 256 18.18 22.00 -5.80
N ILE B 257 19.03 21.33 -6.59
CA ILE B 257 20.30 20.81 -6.09
C ILE B 257 21.20 21.90 -5.54
N GLY B 258 21.30 23.03 -6.22
CA GLY B 258 22.04 24.17 -5.70
C GLY B 258 21.39 24.77 -4.46
N GLN B 259 20.07 24.69 -4.37
CA GLN B 259 19.38 25.12 -3.17
C GLN B 259 19.54 24.16 -1.99
N VAL B 260 19.95 22.91 -2.24
CA VAL B 260 19.97 21.90 -1.20
C VAL B 260 21.34 21.26 -1.01
N ARG B 261 22.37 21.72 -1.73
CA ARG B 261 23.70 21.11 -1.68
C ARG B 261 24.37 21.27 -0.32
N ASP B 262 24.10 22.37 0.40
CA ASP B 262 24.70 22.59 1.69
C ASP B 262 24.07 21.77 2.81
N GLN B 263 23.00 21.04 2.52
CA GLN B 263 22.36 20.17 3.50
C GLN B 263 22.80 18.72 3.39
N ALA B 264 23.70 18.41 2.46
CA ALA B 264 24.18 17.05 2.26
C ALA B 264 25.69 17.03 2.25
N GLU B 265 26.26 15.88 2.59
CA GLU B 265 27.71 15.72 2.52
C GLU B 265 28.14 15.27 1.13
N HIS B 266 27.41 14.33 0.54
CA HIS B 266 27.70 13.80 -0.78
C HIS B 266 26.71 14.32 -1.81
N LEU B 267 27.08 14.22 -3.08
CA LEU B 267 26.19 14.65 -4.14
C LEU B 267 25.08 13.64 -4.38
N LYS B 268 25.33 12.37 -4.09
CA LYS B 268 24.33 11.33 -4.32
C LYS B 268 23.15 11.47 -3.37
N THR B 269 23.37 12.01 -2.18
CA THR B 269 22.30 12.23 -1.22
C THR B 269 21.75 13.64 -1.28
N ALA B 270 22.19 14.44 -2.25
CA ALA B 270 21.57 15.72 -2.55
C ALA B 270 20.63 15.65 -3.73
N VAL B 271 20.90 14.77 -4.69
CA VAL B 271 19.98 14.62 -5.82
C VAL B 271 18.71 13.90 -5.37
N GLN B 272 18.79 13.06 -4.34
CA GLN B 272 17.57 12.44 -3.83
C GLN B 272 16.75 13.43 -3.03
N MET B 273 17.41 14.34 -2.32
CA MET B 273 16.71 15.44 -1.66
C MET B 273 16.04 16.36 -2.68
N ALA B 274 16.71 16.60 -3.80
CA ALA B 274 16.12 17.41 -4.86
C ALA B 274 14.97 16.70 -5.54
N VAL B 275 15.04 15.38 -5.70
CA VAL B 275 13.95 14.63 -6.28
C VAL B 275 12.74 14.63 -5.34
N PHE B 276 12.99 14.56 -4.03
CA PHE B 276 11.91 14.67 -3.04
C PHE B 276 11.24 16.05 -3.10
N ILE B 277 12.05 17.11 -3.15
CA ILE B 277 11.53 18.48 -3.19
C ILE B 277 10.76 18.73 -4.48
N HIS B 278 11.25 18.19 -5.60
CA HIS B 278 10.55 18.38 -6.87
C HIS B 278 9.26 17.58 -6.95
N ASN B 279 9.28 16.34 -6.48
CA ASN B 279 8.11 15.48 -6.66
C ASN B 279 7.02 15.74 -5.64
N PHE B 280 7.35 16.23 -4.45
CA PHE B 280 6.34 16.34 -3.41
C PHE B 280 6.29 17.69 -2.71
N LYS B 281 7.24 18.58 -2.94
CA LYS B 281 7.26 19.88 -2.28
C LYS B 281 7.18 21.05 -3.23
N ARG B 282 7.09 20.80 -4.54
CA ARG B 282 6.91 21.85 -5.53
C ARG B 282 5.56 21.61 -6.20
N LYS B 283 4.55 22.36 -5.77
CA LYS B 283 3.22 22.26 -6.33
C LYS B 283 2.98 23.37 -7.34
N GLY B 284 2.10 23.12 -8.29
CA GLY B 284 1.81 24.09 -9.32
C GLY B 284 0.85 23.52 -10.35
N GLY B 285 0.83 24.14 -11.52
CA GLY B 285 -0.07 23.72 -12.57
C GLY B 285 -1.46 24.29 -12.40
N ILE B 286 -2.48 23.53 -12.83
CA ILE B 286 -3.85 24.01 -12.74
C ILE B 286 -4.38 23.87 -11.33
N GLY B 287 -4.46 22.65 -10.82
CA GLY B 287 -5.05 22.39 -9.53
C GLY B 287 -4.12 22.53 -8.35
N GLY B 288 -2.88 22.94 -8.57
CA GLY B 288 -1.93 23.06 -7.47
C GLY B 288 -1.47 21.75 -6.91
N TYR B 289 -1.36 20.72 -7.74
CA TYR B 289 -0.91 19.41 -7.31
C TYR B 289 0.58 19.26 -7.55
N SER B 290 1.21 18.41 -6.75
CA SER B 290 2.61 18.08 -6.96
C SER B 290 2.73 17.04 -8.07
N ALA B 291 3.98 16.70 -8.41
CA ALA B 291 4.23 15.74 -9.48
C ALA B 291 3.85 14.32 -9.07
N GLY B 292 3.91 14.02 -7.77
CA GLY B 292 3.51 12.70 -7.32
C GLY B 292 2.02 12.46 -7.41
N GLU B 293 1.22 13.47 -7.03
CA GLU B 293 -0.22 13.35 -7.17
C GLU B 293 -0.63 13.31 -8.63
N ARG B 294 0.08 14.07 -9.47
CA ARG B 294 -0.20 14.06 -10.90
C ARG B 294 0.13 12.71 -11.53
N ILE B 295 1.25 12.10 -11.13
CA ILE B 295 1.57 10.80 -11.73
C ILE B 295 0.67 9.70 -11.18
N VAL B 296 0.22 9.78 -9.93
CA VAL B 296 -0.67 8.70 -9.49
C VAL B 296 -2.07 8.87 -10.09
N ASP B 297 -2.50 10.10 -10.35
CA ASP B 297 -3.77 10.28 -11.05
C ASP B 297 -3.68 9.85 -12.51
N ILE B 298 -2.53 10.10 -13.16
CA ILE B 298 -2.34 9.73 -14.55
C ILE B 298 -2.25 8.21 -14.69
N ILE B 299 -1.53 7.54 -13.78
CA ILE B 299 -1.41 6.09 -13.85
C ILE B 299 -2.72 5.42 -13.46
N ALA B 300 -3.50 6.01 -12.54
CA ALA B 300 -4.82 5.46 -12.23
C ALA B 300 -5.78 5.61 -13.40
N THR B 301 -5.70 6.72 -14.12
CA THR B 301 -6.50 6.90 -15.33
C THR B 301 -6.09 5.91 -16.43
N ASP B 302 -4.79 5.63 -16.53
CA ASP B 302 -4.33 4.65 -17.52
C ASP B 302 -4.76 3.24 -17.13
N ILE B 303 -4.84 2.94 -15.85
CA ILE B 303 -5.29 1.62 -15.41
C ILE B 303 -6.78 1.46 -15.65
N GLN B 304 -7.55 2.54 -15.45
CA GLN B 304 -8.97 2.52 -15.82
C GLN B 304 -9.16 2.34 -17.31
N THR B 305 -8.31 2.98 -18.12
CA THR B 305 -8.36 2.81 -19.57
C THR B 305 -8.03 1.39 -19.99
N LYS B 306 -7.02 0.79 -19.35
CA LYS B 306 -6.65 -0.59 -19.69
C LYS B 306 -7.72 -1.58 -19.26
N GLU B 307 -8.36 -1.33 -18.10
CA GLU B 307 -9.41 -2.23 -17.66
C GLU B 307 -10.66 -2.10 -18.53
N LEU B 308 -10.95 -0.89 -19.01
CA LEU B 308 -12.06 -0.73 -19.95
C LEU B 308 -11.76 -1.38 -21.29
N GLN B 309 -10.51 -1.31 -21.75
CA GLN B 309 -10.14 -1.97 -22.99
C GLN B 309 -10.18 -3.49 -22.85
N LYS B 310 -9.83 -4.01 -21.67
CA LYS B 310 -9.95 -5.44 -21.43
C LYS B 310 -11.40 -5.87 -21.34
N GLN B 311 -12.26 -5.00 -20.82
CA GLN B 311 -13.69 -5.31 -20.77
C GLN B 311 -14.32 -5.27 -22.16
N ILE B 312 -13.84 -4.37 -23.02
CA ILE B 312 -14.36 -4.29 -24.38
C ILE B 312 -13.89 -5.48 -25.20
N THR B 313 -12.60 -5.84 -25.08
CA THR B 313 -12.03 -6.96 -25.81
C THR B 313 -12.63 -8.30 -25.39
N LYS B 314 -13.06 -8.43 -24.15
CA LYS B 314 -13.67 -9.66 -23.66
C LYS B 314 -15.05 -9.93 -24.26
N ILE B 315 -15.80 -8.89 -24.62
CA ILE B 315 -17.14 -9.04 -25.16
C ILE B 315 -17.23 -8.67 -26.63
N GLN B 316 -16.11 -8.37 -27.29
CA GLN B 316 -16.14 -8.00 -28.69
C GLN B 316 -16.32 -9.19 -29.62
N ASN B 317 -16.26 -10.42 -29.10
CA ASN B 317 -16.46 -11.60 -29.92
C ASN B 317 -17.86 -12.16 -29.77
N PHE B 318 -18.57 -11.80 -28.70
CA PHE B 318 -19.94 -12.22 -28.50
C PHE B 318 -20.85 -11.53 -29.51
N ARG B 319 -21.92 -12.22 -29.91
CA ARG B 319 -22.95 -11.64 -30.77
C ARG B 319 -24.29 -12.06 -30.21
N VAL B 320 -25.24 -11.14 -30.16
CA VAL B 320 -26.54 -11.36 -29.53
C VAL B 320 -27.62 -11.36 -30.60
N TYR B 321 -28.44 -12.40 -30.60
CA TYR B 321 -29.57 -12.51 -31.51
C TYR B 321 -30.87 -12.08 -30.82
N PRO B 333 -28.53 -10.30 -35.44
CA PRO B 333 -27.10 -10.21 -35.12
C PRO B 333 -26.72 -8.84 -34.59
N ALA B 334 -26.40 -8.76 -33.30
CA ALA B 334 -26.09 -7.48 -32.69
C ALA B 334 -24.94 -7.66 -31.72
N LYS B 335 -24.30 -6.54 -31.38
CA LYS B 335 -23.17 -6.55 -30.47
C LYS B 335 -23.65 -6.78 -29.04
N LEU B 336 -22.71 -7.00 -28.13
CA LEU B 336 -23.04 -7.10 -26.72
C LEU B 336 -22.26 -6.01 -26.00
N LEU B 337 -22.98 -5.04 -25.45
CA LEU B 337 -22.34 -3.97 -24.70
C LEU B 337 -22.28 -4.24 -23.21
N TRP B 338 -23.38 -4.64 -22.58
CA TRP B 338 -23.38 -4.87 -21.16
C TRP B 338 -24.38 -5.95 -20.82
N LYS B 339 -23.91 -6.99 -20.15
CA LYS B 339 -24.74 -8.11 -19.74
C LYS B 339 -24.93 -7.99 -18.23
N GLY B 340 -26.06 -7.41 -17.83
CA GLY B 340 -26.37 -7.23 -16.44
C GLY B 340 -26.94 -8.50 -15.83
N GLU B 341 -27.46 -8.35 -14.61
CA GLU B 341 -28.07 -9.48 -13.94
C GLU B 341 -29.52 -9.67 -14.35
N GLY B 342 -30.13 -8.66 -14.96
CA GLY B 342 -31.49 -8.81 -15.45
C GLY B 342 -31.69 -8.26 -16.85
N ALA B 343 -30.72 -7.53 -17.37
CA ALA B 343 -30.83 -6.87 -18.66
C ALA B 343 -29.61 -7.18 -19.52
N VAL B 344 -29.78 -7.06 -20.83
CA VAL B 344 -28.70 -7.25 -21.79
C VAL B 344 -28.76 -6.07 -22.75
N VAL B 345 -27.68 -5.32 -22.84
CA VAL B 345 -27.62 -4.14 -23.68
C VAL B 345 -26.94 -4.51 -24.99
N ILE B 346 -27.66 -4.38 -26.10
CA ILE B 346 -27.14 -4.73 -27.41
C ILE B 346 -27.06 -3.48 -28.27
N GLN B 347 -26.42 -3.59 -29.44
CA GLN B 347 -26.38 -2.53 -30.44
C GLN B 347 -26.69 -3.15 -31.80
N ASP B 348 -27.93 -2.99 -32.26
CA ASP B 348 -28.32 -3.44 -33.60
C ASP B 348 -28.43 -2.20 -34.49
N ASN B 349 -27.44 -2.04 -35.38
CA ASN B 349 -27.40 -1.02 -36.43
C ASN B 349 -27.44 0.41 -35.86
N SER B 350 -26.42 0.72 -35.02
CA SER B 350 -26.23 2.02 -34.38
C SER B 350 -27.45 2.44 -33.55
N ASP B 351 -28.02 1.48 -32.82
CA ASP B 351 -29.20 1.73 -32.01
C ASP B 351 -29.05 0.92 -30.74
N ILE B 352 -28.66 1.58 -29.65
CA ILE B 352 -28.42 0.89 -28.38
C ILE B 352 -29.76 0.47 -27.79
N LYS B 353 -29.99 -0.83 -27.71
CA LYS B 353 -31.23 -1.38 -27.20
C LYS B 353 -30.98 -2.13 -25.89
N VAL B 354 -32.04 -2.24 -25.09
CA VAL B 354 -31.99 -2.96 -23.81
C VAL B 354 -33.04 -4.07 -23.91
N VAL B 355 -32.58 -5.31 -24.03
CA VAL B 355 -33.50 -6.45 -24.05
C VAL B 355 -33.15 -7.38 -22.90
N PRO B 356 -34.14 -7.93 -22.18
CA PRO B 356 -33.83 -8.83 -21.07
C PRO B 356 -33.53 -10.26 -21.52
N ILE B 362 -27.30 -15.01 -26.89
CA ILE B 362 -25.88 -14.69 -26.74
C ILE B 362 -25.03 -15.88 -27.12
N ILE B 363 -24.41 -15.81 -28.29
CA ILE B 363 -23.50 -16.85 -28.75
C ILE B 363 -22.13 -16.22 -29.00
N ARG B 364 -21.09 -17.02 -28.83
CA ARG B 364 -19.73 -16.55 -29.01
C ARG B 364 -19.20 -16.92 -30.39
N GLU C 307 -25.32 19.38 -5.40
CA GLU C 307 -23.90 19.73 -5.43
C GLU C 307 -23.15 19.01 -4.32
N LEU C 308 -23.90 18.44 -3.37
CA LEU C 308 -23.33 17.76 -2.22
C LEU C 308 -23.61 16.26 -2.24
N GLN C 309 -24.82 15.86 -2.63
CA GLN C 309 -25.16 14.45 -2.71
C GLN C 309 -24.40 13.73 -3.82
N LYS C 310 -23.99 14.46 -4.86
CA LYS C 310 -23.09 13.89 -5.85
C LYS C 310 -21.76 13.50 -5.22
N GLN C 311 -21.21 14.38 -4.37
CA GLN C 311 -19.97 14.06 -3.67
C GLN C 311 -20.15 12.97 -2.64
N ILE C 312 -21.34 12.89 -2.03
CA ILE C 312 -21.58 11.84 -1.04
C ILE C 312 -21.68 10.47 -1.71
N THR C 313 -22.36 10.40 -2.86
CA THR C 313 -22.39 9.14 -3.61
C THR C 313 -21.02 8.81 -4.20
N LYS C 314 -20.23 9.82 -4.57
CA LYS C 314 -18.88 9.59 -5.05
C LYS C 314 -17.99 9.01 -3.95
N ILE C 315 -18.11 9.50 -2.73
CA ILE C 315 -17.33 8.91 -1.64
C ILE C 315 -17.92 7.57 -1.21
N GLN C 316 -19.18 7.30 -1.55
CA GLN C 316 -19.74 5.97 -1.29
C GLN C 316 -19.40 4.97 -2.38
N ASN C 317 -18.84 5.42 -3.50
CA ASN C 317 -18.39 4.48 -4.53
C ASN C 317 -17.05 3.83 -4.23
N PHE C 318 -16.44 4.12 -3.08
CA PHE C 318 -15.18 3.51 -2.71
C PHE C 318 -15.40 2.29 -1.85
N ARG C 319 -14.56 1.28 -2.05
CA ARG C 319 -14.65 0.02 -1.33
C ARG C 319 -13.60 -0.05 -0.23
N VAL C 320 -13.98 -0.63 0.90
CA VAL C 320 -13.10 -0.74 2.06
C VAL C 320 -12.94 -2.22 2.41
N TYR C 321 -11.69 -2.65 2.58
CA TYR C 321 -11.36 -3.97 3.09
C TYR C 321 -10.82 -3.80 4.50
N TYR C 322 -11.54 -4.29 5.49
CA TYR C 322 -11.27 -3.98 6.88
C TYR C 322 -11.03 -5.26 7.65
N ARG C 323 -10.65 -5.09 8.92
CA ARG C 323 -10.40 -6.21 9.81
C ARG C 323 -10.88 -5.84 11.21
N ASP C 324 -11.14 -6.85 12.02
CA ASP C 324 -11.55 -6.67 13.40
C ASP C 324 -10.34 -6.89 14.31
N SER C 325 -10.59 -6.89 15.63
CA SER C 325 -9.50 -6.82 16.58
C SER C 325 -8.79 -8.16 16.75
N ARG C 326 -9.53 -9.26 16.68
CA ARG C 326 -8.92 -10.58 16.87
C ARG C 326 -9.24 -11.57 15.77
N ASP C 327 -9.88 -11.14 14.69
CA ASP C 327 -10.13 -12.02 13.57
C ASP C 327 -9.10 -11.70 12.49
N PRO C 328 -8.20 -12.63 12.15
CA PRO C 328 -7.11 -12.30 11.23
C PRO C 328 -7.50 -12.33 9.75
N VAL C 329 -8.74 -12.62 9.41
CA VAL C 329 -9.17 -12.70 8.02
C VAL C 329 -9.63 -11.31 7.57
N TRP C 330 -9.46 -11.02 6.29
CA TRP C 330 -9.84 -9.73 5.74
C TRP C 330 -11.31 -9.77 5.34
N LYS C 331 -12.12 -8.99 6.02
CA LYS C 331 -13.53 -8.94 5.68
C LYS C 331 -13.74 -8.15 4.40
N GLY C 332 -14.81 -8.50 3.68
CA GLY C 332 -14.93 -8.17 2.28
C GLY C 332 -15.21 -6.71 2.03
N PRO C 333 -15.43 -6.38 0.74
CA PRO C 333 -15.53 -4.97 0.35
C PRO C 333 -16.77 -4.27 0.86
N ALA C 334 -16.58 -3.37 1.82
CA ALA C 334 -17.67 -2.59 2.38
C ALA C 334 -17.85 -1.31 1.60
N LYS C 335 -18.82 -0.51 2.04
CA LYS C 335 -19.14 0.76 1.42
C LYS C 335 -18.60 1.88 2.29
N LEU C 336 -17.75 2.72 1.72
CA LEU C 336 -17.17 3.81 2.48
C LEU C 336 -18.19 4.91 2.71
N LEU C 337 -18.58 5.11 3.96
CA LEU C 337 -19.50 6.19 4.30
C LEU C 337 -18.77 7.46 4.70
N TRP C 338 -17.71 7.34 5.49
CA TRP C 338 -17.00 8.51 5.96
C TRP C 338 -15.54 8.15 6.20
N LYS C 339 -14.64 9.07 5.88
CA LYS C 339 -13.21 8.85 6.07
C LYS C 339 -12.62 9.97 6.90
N GLY C 340 -12.02 9.62 8.03
CA GLY C 340 -11.39 10.56 8.91
C GLY C 340 -9.89 10.36 9.00
N GLU C 341 -9.30 11.03 9.99
CA GLU C 341 -7.86 10.94 10.19
C GLU C 341 -7.47 9.71 11.00
N GLY C 342 -8.36 9.19 11.84
CA GLY C 342 -8.04 8.05 12.65
C GLY C 342 -9.04 6.92 12.54
N ALA C 343 -10.24 7.21 12.04
CA ALA C 343 -11.28 6.21 11.92
C ALA C 343 -11.93 6.31 10.55
N VAL C 344 -12.63 5.24 10.17
CA VAL C 344 -13.27 5.12 8.87
C VAL C 344 -14.63 4.48 9.12
N VAL C 345 -15.70 5.17 8.77
CA VAL C 345 -17.05 4.67 8.95
C VAL C 345 -17.48 3.98 7.67
N ILE C 346 -17.79 2.69 7.78
CA ILE C 346 -18.12 1.83 6.65
C ILE C 346 -19.52 1.28 6.83
N GLN C 347 -20.06 0.70 5.76
CA GLN C 347 -21.33 -0.03 5.80
C GLN C 347 -21.12 -1.39 5.16
N ASP C 348 -20.96 -2.42 5.99
CA ASP C 348 -20.80 -3.79 5.52
C ASP C 348 -22.03 -4.59 5.91
N ASN C 349 -22.69 -5.18 4.90
CA ASN C 349 -23.85 -6.07 5.05
C ASN C 349 -24.99 -5.39 5.80
N SER C 350 -25.27 -4.14 5.40
CA SER C 350 -26.25 -3.25 6.05
C SER C 350 -25.94 -3.06 7.53
N ASP C 351 -24.65 -3.04 7.86
CA ASP C 351 -24.19 -2.83 9.23
C ASP C 351 -23.16 -1.72 9.22
N ILE C 352 -23.44 -0.63 9.91
CA ILE C 352 -22.55 0.51 9.93
C ILE C 352 -21.49 0.30 11.01
N LYS C 353 -20.24 0.18 10.60
CA LYS C 353 -19.14 -0.03 11.52
C LYS C 353 -18.21 1.17 11.51
N VAL C 354 -17.43 1.31 12.59
CA VAL C 354 -16.37 2.29 12.68
C VAL C 354 -15.07 1.51 12.83
N VAL C 355 -14.32 1.40 11.74
CA VAL C 355 -13.04 0.70 11.72
C VAL C 355 -11.97 1.74 12.05
N PRO C 356 -10.86 1.36 12.70
CA PRO C 356 -9.72 2.26 12.74
C PRO C 356 -9.13 2.46 11.35
N ARG C 357 -8.44 3.59 11.17
CA ARG C 357 -7.82 3.89 9.88
C ARG C 357 -6.66 2.94 9.60
N ARG C 358 -5.98 2.48 10.64
CA ARG C 358 -4.87 1.54 10.51
C ARG C 358 -5.32 0.11 10.22
N LYS C 359 -6.62 -0.15 10.14
CA LYS C 359 -7.14 -1.49 9.90
C LYS C 359 -7.93 -1.58 8.61
N ALA C 360 -7.78 -0.61 7.71
CA ALA C 360 -8.60 -0.53 6.51
C ALA C 360 -7.74 -0.25 5.30
N LYS C 361 -8.04 -0.95 4.20
CA LYS C 361 -7.48 -0.68 2.89
C LYS C 361 -8.62 -0.20 2.01
N ILE C 362 -8.60 1.07 1.63
CA ILE C 362 -9.67 1.66 0.83
C ILE C 362 -9.17 1.77 -0.59
N ILE C 363 -9.89 1.16 -1.53
CA ILE C 363 -9.61 1.25 -2.95
C ILE C 363 -10.89 1.55 -3.70
N ARG C 364 -10.75 2.25 -4.82
CA ARG C 364 -11.78 2.33 -5.84
C ARG C 364 -11.42 1.23 -6.83
N ASP C 365 -12.16 0.13 -6.77
CA ASP C 365 -11.87 -1.04 -7.61
C ASP C 365 -12.04 -0.68 -9.08
N TYR C 366 -10.93 -0.69 -9.82
CA TYR C 366 -10.96 -0.34 -11.24
C TYR C 366 -11.45 -1.49 -12.12
N GLY C 367 -12.01 -2.55 -11.53
CA GLY C 367 -12.92 -3.44 -12.21
C GLY C 367 -14.35 -2.98 -12.04
N LYS C 368 -14.53 -1.65 -12.04
CA LYS C 368 -15.83 -0.99 -12.09
C LYS C 368 -16.34 -0.84 -13.51
N GLN C 369 -15.67 -1.45 -14.49
CA GLN C 369 -16.07 -1.36 -15.88
C GLN C 369 -16.89 -2.58 -16.27
N ASN D 317 -5.43 -4.13 39.04
CA ASN D 317 -4.10 -4.63 39.36
C ASN D 317 -3.92 -6.04 38.81
N PHE D 318 -2.89 -6.22 37.99
CA PHE D 318 -2.67 -7.48 37.27
C PHE D 318 -1.26 -7.98 37.50
N ARG D 319 -1.09 -9.30 37.39
CA ARG D 319 0.23 -9.92 37.33
C ARG D 319 0.51 -10.31 35.90
N VAL D 320 1.73 -10.04 35.43
CA VAL D 320 2.12 -10.40 34.07
C VAL D 320 3.35 -11.29 34.13
N TYR D 321 3.22 -12.50 33.58
CA TYR D 321 4.33 -13.42 33.44
C TYR D 321 4.68 -13.48 31.97
N TYR D 322 5.88 -13.06 31.62
CA TYR D 322 6.20 -12.78 30.23
C TYR D 322 7.40 -13.59 29.77
N ARG D 323 7.62 -13.56 28.46
CA ARG D 323 8.78 -14.17 27.83
C ARG D 323 9.60 -13.08 27.17
N ASP D 324 10.91 -13.18 27.27
CA ASP D 324 11.79 -12.04 27.04
C ASP D 324 12.70 -12.28 25.85
N SER D 325 13.73 -11.45 25.70
CA SER D 325 14.58 -11.39 24.52
C SER D 325 15.40 -12.66 24.38
N ARG D 326 14.94 -13.55 23.48
CA ARG D 326 15.59 -14.80 23.08
C ARG D 326 15.88 -15.72 24.26
N ASP D 327 15.06 -15.64 25.31
CA ASP D 327 15.24 -16.45 26.49
C ASP D 327 14.07 -17.42 26.59
N PRO D 328 14.31 -18.73 26.72
CA PRO D 328 13.19 -19.66 26.86
C PRO D 328 12.52 -19.59 28.23
N VAL D 329 13.17 -19.01 29.23
CA VAL D 329 12.58 -18.97 30.56
C VAL D 329 11.52 -17.87 30.63
N TRP D 330 10.58 -18.05 31.54
CA TRP D 330 9.48 -17.13 31.74
C TRP D 330 9.69 -16.35 33.03
N LYS D 331 9.69 -15.04 32.92
CA LYS D 331 9.96 -14.16 34.04
C LYS D 331 8.64 -13.63 34.59
N GLY D 332 8.73 -12.90 35.70
CA GLY D 332 7.57 -12.33 36.31
C GLY D 332 7.48 -12.64 37.78
N PRO D 333 6.42 -12.15 38.45
CA PRO D 333 5.34 -11.33 37.92
C PRO D 333 5.69 -9.85 37.86
N ALA D 334 5.02 -9.11 36.99
CA ALA D 334 5.29 -7.70 36.75
C ALA D 334 4.00 -6.91 36.79
N LYS D 335 4.11 -5.62 37.06
CA LYS D 335 2.95 -4.74 37.00
C LYS D 335 2.57 -4.48 35.56
N LEU D 336 1.29 -4.62 35.24
CA LEU D 336 0.78 -4.29 33.93
C LEU D 336 0.54 -2.78 33.86
N LEU D 337 1.21 -2.12 32.92
CA LEU D 337 1.01 -0.69 32.75
C LEU D 337 0.01 -0.38 31.64
N TRP D 338 0.09 -1.12 30.53
CA TRP D 338 -0.78 -0.84 29.40
C TRP D 338 -1.00 -2.12 28.62
N LYS D 339 -2.25 -2.38 28.24
CA LYS D 339 -2.60 -3.54 27.45
C LYS D 339 -3.18 -3.08 26.12
N GLY D 340 -2.53 -3.48 25.03
CA GLY D 340 -2.93 -3.11 23.70
C GLY D 340 -3.58 -4.25 22.95
N GLU D 341 -3.62 -4.10 21.63
CA GLU D 341 -4.25 -5.13 20.81
C GLU D 341 -3.36 -6.37 20.70
N GLY D 342 -2.06 -6.17 20.55
CA GLY D 342 -1.17 -7.30 20.36
C GLY D 342 0.08 -7.24 21.20
N ALA D 343 0.18 -6.23 22.06
CA ALA D 343 1.36 -6.08 22.91
C ALA D 343 0.94 -5.45 24.23
N VAL D 344 1.79 -5.66 25.24
CA VAL D 344 1.59 -5.10 26.57
C VAL D 344 2.86 -4.38 26.98
N VAL D 345 2.69 -3.27 27.70
CA VAL D 345 3.78 -2.56 28.34
C VAL D 345 3.69 -2.85 29.83
N ILE D 346 4.74 -3.44 30.38
CA ILE D 346 4.77 -3.88 31.77
C ILE D 346 6.03 -3.34 32.43
N GLN D 347 6.14 -3.58 33.74
CA GLN D 347 7.25 -3.07 34.54
C GLN D 347 7.70 -4.19 35.48
N ASP D 348 8.83 -4.81 35.15
CA ASP D 348 9.39 -5.91 35.95
C ASP D 348 10.65 -5.38 36.63
N ASN D 349 10.50 -5.03 37.91
CA ASN D 349 11.58 -4.55 38.78
C ASN D 349 12.25 -3.29 38.20
N SER D 350 11.44 -2.24 38.06
CA SER D 350 11.83 -0.92 37.54
C SER D 350 12.41 -1.00 36.13
N ASP D 351 11.90 -1.90 35.31
CA ASP D 351 12.29 -2.04 33.91
C ASP D 351 11.03 -2.05 33.05
N ILE D 352 10.78 -0.96 32.34
CA ILE D 352 9.63 -0.87 31.46
C ILE D 352 9.92 -1.69 30.22
N LYS D 353 9.14 -2.73 29.99
CA LYS D 353 9.33 -3.63 28.85
C LYS D 353 8.06 -3.66 28.01
N VAL D 354 8.24 -3.85 26.71
CA VAL D 354 7.12 -4.04 25.78
C VAL D 354 7.21 -5.47 25.25
N VAL D 355 6.22 -6.27 25.58
CA VAL D 355 6.20 -7.70 25.27
C VAL D 355 5.03 -7.93 24.32
N PRO D 356 5.12 -8.84 23.35
CA PRO D 356 3.91 -9.23 22.62
C PRO D 356 2.95 -9.99 23.53
N ARG D 357 1.70 -10.04 23.11
CA ARG D 357 0.70 -10.73 23.93
C ARG D 357 0.75 -12.23 23.75
N ARG D 358 1.45 -12.74 22.73
CA ARG D 358 1.71 -14.17 22.65
C ARG D 358 2.82 -14.60 23.59
N LYS D 359 3.64 -13.66 24.04
CA LYS D 359 4.75 -13.96 24.93
C LYS D 359 4.49 -13.45 26.33
N ALA D 360 3.21 -13.31 26.71
CA ALA D 360 2.86 -12.79 28.02
C ALA D 360 1.53 -13.38 28.45
N LYS D 361 1.38 -13.58 29.75
CA LYS D 361 0.16 -14.07 30.37
C LYS D 361 -0.23 -13.11 31.47
N ILE D 362 -1.48 -12.63 31.44
CA ILE D 362 -1.97 -11.63 32.36
C ILE D 362 -3.00 -12.28 33.28
N ILE D 363 -2.82 -12.12 34.59
CA ILE D 363 -3.73 -12.66 35.58
C ILE D 363 -4.32 -11.52 36.41
#